data_5CR9
#
_entry.id   5CR9
#
_cell.length_a   83.690
_cell.length_b   56.855
_cell.length_c   62.457
_cell.angle_alpha   90.00
_cell.angle_beta   90.00
_cell.angle_gamma   90.00
#
_symmetry.space_group_name_H-M   'P 21 21 2'
#
loop_
_entity.id
_entity.type
_entity.pdbx_description
1 polymer 'ABC-type Fe3+-hydroxamate transport system, periplasmic component'
2 non-polymer 'MANGANESE (II) ION'
3 non-polymer GLYCEROL
4 non-polymer 'GLUTAMIC ACID'
5 water water
#
_entity_poly.entity_id   1
_entity_poly.type   'polypeptide(L)'
_entity_poly.pdbx_seq_one_letter_code
;GPVATGERPTASAGHFPLTITNCGVDVTFDGPPERIILLESAPVAT(MSE)RALGVLDSVVLRAGAFPPEYYDAETNAAL
RAIPSLGEELDSSGHLQISEEVIIAQQPDLVLGLPDGVTREGLEAVGINVLVQPT(MSE)CPGGVGATTFDDVYEQINTY
GRLFDRQDRAAELVASLRQRVAAVEKAVEKAVGRPRRSAAVLYPTIGGGVGYAYGNES(MSE)AHPQLESAGFTNVYADV
DERVFEVTLEDVLEQDPDVLVLLHVDGDPDAVKDAVVNLPGADALTAVRNDDILVQLFNFTEPPTPLSVDGLERIHETFG
ADS
;
_entity_poly.pdbx_strand_id   A
#
loop_
_chem_comp.id
_chem_comp.type
_chem_comp.name
_chem_comp.formula
GOL non-polymer GLYCEROL 'C3 H8 O3'
MN non-polymer 'MANGANESE (II) ION' 'Mn 2'
#
# COMPACT_ATOMS: atom_id res chain seq x y z
N HIS A 15 20.77 -14.11 -9.71
CA HIS A 15 20.97 -15.53 -9.44
C HIS A 15 19.66 -16.31 -9.41
N PHE A 16 19.43 -17.08 -10.45
CA PHE A 16 18.32 -18.00 -10.49
C PHE A 16 18.84 -19.45 -10.38
N PRO A 17 18.01 -20.37 -9.88
CA PRO A 17 16.67 -20.18 -9.31
C PRO A 17 16.71 -19.34 -8.05
N LEU A 18 15.66 -18.56 -7.90
CA LEU A 18 15.50 -17.61 -6.81
C LEU A 18 14.39 -18.07 -5.90
N THR A 19 14.68 -18.08 -4.60
CA THR A 19 13.65 -18.34 -3.61
C THR A 19 13.33 -17.06 -2.86
N ILE A 20 12.04 -16.76 -2.76
CA ILE A 20 11.56 -15.66 -1.95
C ILE A 20 10.73 -16.28 -0.85
N THR A 21 11.08 -16.02 0.40
N THR A 21 11.02 -15.92 0.39
CA THR A 21 10.24 -16.46 1.52
CA THR A 21 10.21 -16.39 1.50
C THR A 21 9.17 -15.39 1.73
C THR A 21 9.13 -15.36 1.73
N ASN A 22 7.90 -15.82 1.75
CA ASN A 22 6.75 -14.94 1.73
C ASN A 22 5.70 -15.51 2.64
N CYS A 23 5.42 -14.81 3.73
CA CYS A 23 4.49 -15.29 4.76
C CYS A 23 4.84 -16.71 5.19
N GLY A 24 6.14 -16.96 5.36
CA GLY A 24 6.61 -18.26 5.77
C GLY A 24 6.82 -19.30 4.69
N VAL A 25 6.33 -19.04 3.48
CA VAL A 25 6.39 -19.98 2.38
C VAL A 25 7.57 -19.69 1.46
N ASP A 26 8.32 -20.72 1.07
CA ASP A 26 9.39 -20.54 0.10
C ASP A 26 8.77 -20.61 -1.29
N VAL A 27 8.85 -19.50 -2.03
CA VAL A 27 8.30 -19.40 -3.38
C VAL A 27 9.48 -19.35 -4.33
N THR A 28 9.56 -20.32 -5.26
CA THR A 28 10.77 -20.46 -6.06
C THR A 28 10.50 -20.20 -7.53
N PHE A 29 11.43 -19.46 -8.12
CA PHE A 29 11.34 -19.02 -9.50
C PHE A 29 12.54 -19.51 -10.29
N ASP A 30 12.32 -20.19 -11.40
CA ASP A 30 13.44 -20.68 -12.19
CA ASP A 30 13.46 -20.68 -12.18
C ASP A 30 14.01 -19.58 -13.07
N GLY A 31 13.20 -18.55 -13.31
CA GLY A 31 13.60 -17.37 -14.06
C GLY A 31 12.58 -16.29 -13.80
N PRO A 32 12.79 -15.10 -14.38
CA PRO A 32 11.81 -14.03 -14.16
C PRO A 32 10.39 -14.41 -14.62
N PRO A 33 9.38 -13.99 -13.88
CA PRO A 33 7.98 -14.27 -14.26
C PRO A 33 7.62 -13.55 -15.54
N GLU A 34 6.76 -14.18 -16.34
CA GLU A 34 6.37 -13.67 -17.67
C GLU A 34 4.86 -13.50 -17.88
N ARG A 35 4.05 -14.02 -16.97
CA ARG A 35 2.59 -13.98 -17.10
C ARG A 35 1.98 -13.65 -15.76
N ILE A 36 2.13 -12.40 -15.35
CA ILE A 36 1.72 -11.97 -14.04
C ILE A 36 0.30 -11.42 -14.08
N ILE A 37 -0.48 -11.78 -13.07
CA ILE A 37 -1.77 -11.11 -12.80
C ILE A 37 -1.62 -10.22 -11.57
N LEU A 38 -1.93 -8.94 -11.76
CA LEU A 38 -1.93 -7.97 -10.66
C LEU A 38 -3.31 -7.93 -10.04
N LEU A 39 -3.42 -8.34 -8.79
CA LEU A 39 -4.68 -8.24 -8.06
C LEU A 39 -4.67 -7.11 -7.01
N GLU A 40 -3.70 -6.24 -7.16
CA GLU A 40 -3.49 -5.07 -6.27
C GLU A 40 -2.61 -4.07 -7.06
N SER A 41 -2.66 -2.81 -6.70
CA SER A 41 -1.90 -1.79 -7.43
C SER A 41 -0.48 -1.61 -6.92
N ALA A 42 -0.23 -2.02 -5.68
CA ALA A 42 1.06 -1.75 -5.03
C ALA A 42 2.30 -2.01 -5.90
N PRO A 43 2.39 -3.19 -6.57
CA PRO A 43 3.62 -3.50 -7.31
C PRO A 43 3.94 -2.56 -8.46
N VAL A 44 2.94 -1.87 -8.99
CA VAL A 44 3.16 -1.09 -10.20
C VAL A 44 4.16 0.05 -9.96
N ALA A 45 4.16 0.61 -8.75
CA ALA A 45 5.05 1.72 -8.43
C ALA A 45 6.52 1.33 -8.65
N THR A 46 6.87 0.12 -8.27
CA THR A 46 8.24 -0.37 -8.46
C THR A 46 8.45 -0.92 -9.88
N MSE A 47 7.49 -1.72 -10.36
CA MSE A 47 7.60 -2.34 -11.69
C MSE A 47 7.74 -1.30 -12.80
O MSE A 47 8.46 -1.55 -13.75
CB MSE A 47 6.40 -3.29 -11.96
CG MSE A 47 6.46 -4.47 -11.06
SE MSE A 47 4.96 -5.69 -11.27
CE MSE A 47 5.38 -6.41 -12.99
H MSE A 47 6.77 -1.92 -9.94
HA MSE A 47 8.40 -2.89 -11.70
HB2 MSE A 47 5.57 -2.81 -11.79
HB3 MSE A 47 6.44 -3.59 -12.88
HG2 MSE A 47 7.27 -4.97 -11.25
HG3 MSE A 47 6.47 -4.17 -10.15
HE1 MSE A 47 4.68 -7.06 -13.24
HE2 MSE A 47 5.39 -5.69 -13.64
HE3 MSE A 47 6.24 -6.85 -12.95
N ARG A 48 7.06 -0.15 -12.70
CA ARG A 48 7.19 0.85 -13.76
C ARG A 48 8.60 1.46 -13.78
N ALA A 49 9.23 1.61 -12.62
CA ALA A 49 10.61 2.09 -12.56
C ALA A 49 11.62 1.07 -13.05
N LEU A 50 11.38 -0.21 -12.78
CA LEU A 50 12.27 -1.27 -13.24
C LEU A 50 12.10 -1.57 -14.73
N GLY A 51 10.99 -1.13 -15.30
CA GLY A 51 10.73 -1.31 -16.71
C GLY A 51 10.22 -2.69 -17.10
N VAL A 52 9.42 -3.30 -16.22
CA VAL A 52 9.02 -4.70 -16.40
C VAL A 52 7.50 -4.89 -16.49
N LEU A 53 6.78 -3.83 -16.85
CA LEU A 53 5.33 -3.95 -16.95
C LEU A 53 4.91 -4.90 -18.07
N ASP A 54 5.77 -5.18 -19.03
CA ASP A 54 5.44 -6.13 -20.10
C ASP A 54 5.23 -7.55 -19.57
N SER A 55 5.65 -7.80 -18.34
CA SER A 55 5.49 -9.12 -17.71
CA SER A 55 5.48 -9.13 -17.74
C SER A 55 4.07 -9.34 -17.21
N VAL A 56 3.27 -8.26 -17.18
CA VAL A 56 1.90 -8.32 -16.67
C VAL A 56 0.93 -8.65 -17.80
N VAL A 57 0.16 -9.71 -17.66
CA VAL A 57 -0.81 -10.09 -18.70
CA VAL A 57 -0.80 -10.09 -18.70
C VAL A 57 -2.23 -9.61 -18.36
N LEU A 58 -2.56 -9.55 -17.08
CA LEU A 58 -3.90 -9.13 -16.62
C LEU A 58 -3.85 -8.41 -15.29
N ARG A 59 -4.94 -7.70 -14.97
CA ARG A 59 -5.05 -6.96 -13.71
C ARG A 59 -6.46 -7.02 -13.20
N ALA A 60 -6.65 -6.69 -11.93
CA ALA A 60 -7.98 -6.52 -11.35
C ALA A 60 -7.91 -5.49 -10.27
N GLY A 61 -9.03 -4.81 -10.03
CA GLY A 61 -9.12 -3.76 -9.04
C GLY A 61 -8.86 -2.38 -9.59
N ALA A 62 -8.62 -1.44 -8.68
CA ALA A 62 -8.39 -0.06 -9.05
C ALA A 62 -6.93 0.24 -9.31
N PHE A 63 -6.68 1.04 -10.35
CA PHE A 63 -5.36 1.57 -10.66
C PHE A 63 -5.47 3.07 -10.95
N PRO A 64 -5.64 3.88 -9.91
CA PRO A 64 -5.78 5.33 -10.05
C PRO A 64 -4.65 5.96 -10.89
N PRO A 65 -5.00 6.74 -11.93
CA PRO A 65 -3.95 7.33 -12.76
C PRO A 65 -3.06 8.32 -12.02
N GLU A 66 -3.56 8.84 -10.89
CA GLU A 66 -2.78 9.77 -10.08
C GLU A 66 -1.46 9.16 -9.59
N TYR A 67 -1.42 7.84 -9.50
CA TYR A 67 -0.23 7.16 -9.03
C TYR A 67 0.95 7.16 -10.01
N TYR A 68 0.65 7.27 -11.30
CA TYR A 68 1.60 6.86 -12.33
C TYR A 68 1.86 7.92 -13.39
N ASP A 69 2.94 7.71 -14.12
CA ASP A 69 3.28 8.53 -15.27
C ASP A 69 2.32 8.19 -16.43
N ALA A 70 2.21 9.09 -17.40
CA ALA A 70 1.27 8.95 -18.52
C ALA A 70 1.45 7.67 -19.31
N GLU A 71 2.70 7.27 -19.56
CA GLU A 71 2.94 6.07 -20.35
C GLU A 71 2.49 4.82 -19.61
N THR A 72 2.76 4.77 -18.32
CA THR A 72 2.32 3.65 -17.50
C THR A 72 0.80 3.59 -17.49
N ASN A 73 0.14 4.74 -17.41
CA ASN A 73 -1.33 4.75 -17.46
C ASN A 73 -1.86 4.24 -18.79
N ALA A 74 -1.20 4.59 -19.88
CA ALA A 74 -1.58 4.07 -21.18
C ALA A 74 -1.33 2.56 -21.24
N ALA A 75 -0.23 2.11 -20.67
CA ALA A 75 0.05 0.66 -20.63
C ALA A 75 -1.04 -0.08 -19.85
N LEU A 76 -1.46 0.46 -18.72
CA LEU A 76 -2.50 -0.15 -17.93
C LEU A 76 -3.82 -0.19 -18.68
N ARG A 77 -4.15 0.85 -19.44
CA ARG A 77 -5.39 0.78 -20.26
C ARG A 77 -5.38 -0.37 -21.25
N ALA A 78 -4.20 -0.79 -21.70
CA ALA A 78 -4.07 -1.92 -22.63
C ALA A 78 -3.91 -3.29 -21.96
N ILE A 79 -3.81 -3.31 -20.63
CA ILE A 79 -3.75 -4.57 -19.86
C ILE A 79 -5.20 -4.91 -19.47
N PRO A 80 -5.74 -6.01 -20.01
CA PRO A 80 -7.14 -6.32 -19.70
C PRO A 80 -7.38 -6.59 -18.23
N SER A 81 -8.62 -6.36 -17.81
CA SER A 81 -9.05 -6.47 -16.44
C SER A 81 -10.00 -7.66 -16.17
N LEU A 82 -9.82 -8.33 -15.02
CA LEU A 82 -10.69 -9.40 -14.55
C LEU A 82 -11.78 -8.89 -13.62
N GLY A 83 -11.76 -7.62 -13.31
CA GLY A 83 -12.87 -7.02 -12.59
C GLY A 83 -12.45 -5.81 -11.82
N GLU A 84 -13.41 -4.96 -11.46
CA GLU A 84 -13.13 -3.73 -10.74
C GLU A 84 -14.10 -3.51 -9.57
N GLU A 85 -14.90 -4.53 -9.23
CA GLU A 85 -15.85 -4.39 -8.13
C GLU A 85 -15.15 -4.44 -6.77
N LEU A 86 -15.25 -3.34 -6.02
CA LEU A 86 -14.73 -3.26 -4.67
C LEU A 86 -15.87 -3.21 -3.66
N ASP A 87 -15.65 -3.67 -2.44
CA ASP A 87 -16.66 -3.49 -1.39
C ASP A 87 -16.37 -2.18 -0.66
N SER A 88 -17.15 -1.88 0.38
CA SER A 88 -17.06 -0.58 1.03
C SER A 88 -15.71 -0.38 1.73
N SER A 89 -14.94 -1.44 1.89
CA SER A 89 -13.61 -1.33 2.49
C SER A 89 -12.50 -1.32 1.44
N GLY A 90 -12.88 -1.23 0.17
CA GLY A 90 -11.92 -1.18 -0.92
C GLY A 90 -11.38 -2.53 -1.34
N HIS A 91 -12.09 -3.60 -0.95
CA HIS A 91 -11.62 -4.94 -1.26
C HIS A 91 -12.18 -5.48 -2.56
N LEU A 92 -11.28 -6.00 -3.39
CA LEU A 92 -11.65 -6.57 -4.66
C LEU A 92 -12.46 -7.84 -4.48
N GLN A 93 -13.50 -7.95 -5.28
CA GLN A 93 -14.34 -9.14 -5.34
C GLN A 93 -14.00 -9.94 -6.60
N ILE A 94 -13.35 -11.10 -6.42
CA ILE A 94 -12.95 -11.91 -7.57
C ILE A 94 -12.81 -13.38 -7.16
N SER A 95 -13.09 -14.29 -8.09
CA SER A 95 -13.05 -15.72 -7.76
C SER A 95 -11.73 -16.35 -8.15
N GLU A 96 -11.32 -17.33 -7.35
CA GLU A 96 -10.13 -18.11 -7.62
C GLU A 96 -10.21 -18.82 -8.98
N GLU A 97 -11.38 -19.33 -9.34
CA GLU A 97 -11.57 -20.01 -10.63
C GLU A 97 -11.29 -19.08 -11.82
N VAL A 98 -11.73 -17.83 -11.74
CA VAL A 98 -11.45 -16.85 -12.80
C VAL A 98 -9.94 -16.66 -12.97
N ILE A 99 -9.22 -16.66 -11.86
CA ILE A 99 -7.77 -16.47 -11.90
C ILE A 99 -7.09 -17.67 -12.54
N ILE A 100 -7.44 -18.86 -12.07
CA ILE A 100 -6.82 -20.08 -12.52
C ILE A 100 -7.04 -20.27 -14.01
N ALA A 101 -8.24 -19.90 -14.49
CA ALA A 101 -8.58 -20.03 -15.90
C ALA A 101 -7.65 -19.29 -16.84
N GLN A 102 -6.94 -18.29 -16.33
CA GLN A 102 -6.02 -17.49 -17.16
C GLN A 102 -4.61 -18.07 -17.29
N GLN A 103 -4.33 -19.16 -16.59
CA GLN A 103 -3.00 -19.80 -16.58
C GLN A 103 -1.83 -18.82 -16.37
N PRO A 104 -1.90 -18.04 -15.29
CA PRO A 104 -0.79 -17.14 -14.96
C PRO A 104 0.42 -17.91 -14.45
N ASP A 105 1.61 -17.33 -14.45
CA ASP A 105 2.71 -17.97 -13.72
C ASP A 105 2.94 -17.38 -12.35
N LEU A 106 2.44 -16.17 -12.14
CA LEU A 106 2.58 -15.49 -10.85
C LEU A 106 1.34 -14.59 -10.62
N VAL A 107 0.80 -14.64 -9.41
CA VAL A 107 -0.26 -13.75 -8.96
C VAL A 107 0.25 -12.89 -7.82
N LEU A 108 0.04 -11.58 -7.95
CA LEU A 108 0.45 -10.63 -6.91
C LEU A 108 -0.78 -10.10 -6.21
N GLY A 109 -0.85 -10.42 -4.92
CA GLY A 109 -2.02 -10.13 -4.10
C GLY A 109 -2.98 -11.29 -3.95
N LEU A 110 -3.59 -11.41 -2.78
CA LEU A 110 -4.63 -12.39 -2.52
C LEU A 110 -5.90 -11.73 -2.01
N PRO A 111 -6.81 -11.40 -2.92
CA PRO A 111 -8.12 -10.89 -2.53
C PRO A 111 -8.87 -11.85 -1.61
N ASP A 112 -9.89 -11.32 -0.93
CA ASP A 112 -10.76 -12.13 -0.10
C ASP A 112 -11.24 -13.39 -0.81
N GLY A 113 -11.05 -14.53 -0.16
CA GLY A 113 -11.55 -15.78 -0.69
C GLY A 113 -10.68 -16.43 -1.76
N VAL A 114 -9.60 -15.76 -2.17
CA VAL A 114 -8.63 -16.35 -3.07
C VAL A 114 -7.49 -16.89 -2.21
N THR A 115 -7.13 -18.15 -2.38
CA THR A 115 -6.20 -18.78 -1.42
C THR A 115 -4.87 -19.12 -2.07
N ARG A 116 -3.79 -19.00 -1.31
CA ARG A 116 -2.48 -19.38 -1.80
C ARG A 116 -2.51 -20.86 -2.21
N GLU A 117 -3.11 -21.68 -1.36
CA GLU A 117 -3.08 -23.11 -1.56
C GLU A 117 -3.77 -23.52 -2.87
N GLY A 118 -4.91 -22.90 -3.14
CA GLY A 118 -5.66 -23.20 -4.35
C GLY A 118 -4.87 -22.88 -5.59
N LEU A 119 -4.12 -21.77 -5.56
CA LEU A 119 -3.31 -21.40 -6.70
C LEU A 119 -2.05 -22.24 -6.81
N GLU A 120 -1.38 -22.47 -5.68
CA GLU A 120 -0.15 -23.24 -5.68
C GLU A 120 -0.38 -24.69 -6.12
N ALA A 121 -1.56 -25.23 -5.79
CA ALA A 121 -1.94 -26.60 -6.15
C ALA A 121 -1.92 -26.85 -7.66
N VAL A 122 -2.12 -25.80 -8.46
CA VAL A 122 -2.05 -25.97 -9.91
C VAL A 122 -0.83 -25.34 -10.55
N GLY A 123 0.17 -25.02 -9.73
CA GLY A 123 1.48 -24.61 -10.22
C GLY A 123 1.68 -23.10 -10.38
N ILE A 124 0.80 -22.31 -9.79
CA ILE A 124 0.86 -20.86 -9.89
C ILE A 124 1.58 -20.31 -8.65
N ASN A 125 2.61 -19.50 -8.86
CA ASN A 125 3.29 -18.86 -7.72
C ASN A 125 2.47 -17.68 -7.23
N VAL A 126 2.56 -17.46 -5.94
CA VAL A 126 1.83 -16.38 -5.27
C VAL A 126 2.73 -15.53 -4.38
N LEU A 127 2.67 -14.20 -4.53
CA LEU A 127 3.36 -13.28 -3.62
C LEU A 127 2.38 -12.24 -3.09
N VAL A 128 2.46 -12.03 -1.78
CA VAL A 128 1.71 -11.01 -1.07
C VAL A 128 2.71 -9.94 -0.55
N GLN A 129 2.29 -8.69 -0.42
CA GLN A 129 3.18 -7.71 0.18
C GLN A 129 3.52 -8.19 1.60
N PRO A 130 4.81 -8.17 1.97
CA PRO A 130 5.16 -8.80 3.26
C PRO A 130 4.41 -8.29 4.50
N THR A 131 4.13 -7.00 4.55
CA THR A 131 3.44 -6.52 5.74
C THR A 131 1.96 -6.82 5.70
N MSE A 132 1.46 -7.43 4.61
CA MSE A 132 0.07 -7.85 4.58
C MSE A 132 -0.08 -9.37 4.77
O MSE A 132 -1.16 -9.92 4.62
CB MSE A 132 -0.57 -7.39 3.27
CG MSE A 132 -0.64 -5.86 3.21
SE MSE A 132 -1.20 -5.32 1.45
CE MSE A 132 -2.97 -6.07 1.56
H MSE A 132 1.90 -7.60 3.90
HA MSE A 132 -0.40 -7.41 5.29
HB2 MSE A 132 -0.04 -7.70 2.52
HB3 MSE A 132 -1.47 -7.74 3.21
HG2 MSE A 132 -1.28 -5.52 3.85
HG3 MSE A 132 0.24 -5.48 3.37
HE1 MSE A 132 -3.44 -5.90 0.74
HE2 MSE A 132 -2.90 -7.03 1.72
HE3 MSE A 132 -3.44 -5.66 2.31
N CYS A 133 1.01 -10.02 5.15
CA CYS A 133 0.93 -11.41 5.56
C CYS A 133 0.05 -11.53 6.79
N PRO A 134 -0.68 -12.64 6.90
CA PRO A 134 -1.49 -12.80 8.11
C PRO A 134 -0.65 -13.07 9.34
N GLY A 135 -1.15 -12.66 10.49
CA GLY A 135 -0.41 -12.77 11.73
C GLY A 135 0.44 -11.54 11.94
N GLY A 136 1.29 -11.61 12.95
CA GLY A 136 2.15 -10.49 13.27
C GLY A 136 3.24 -10.35 12.23
N VAL A 137 3.59 -9.11 11.91
CA VAL A 137 4.70 -8.84 11.01
C VAL A 137 5.74 -7.86 11.59
N GLY A 138 5.51 -7.40 12.81
CA GLY A 138 6.40 -6.48 13.47
C GLY A 138 6.18 -5.04 13.02
N ALA A 139 6.78 -4.10 13.73
CA ALA A 139 6.59 -2.68 13.39
C ALA A 139 7.26 -2.38 12.06
N THR A 140 6.56 -1.62 11.25
CA THR A 140 6.98 -1.34 9.89
C THR A 140 7.85 -0.11 9.87
N THR A 141 8.82 -0.09 8.95
CA THR A 141 9.72 1.05 8.80
C THR A 141 9.92 1.30 7.30
N PHE A 142 10.63 2.38 6.97
CA PHE A 142 10.98 2.61 5.57
C PHE A 142 11.90 1.50 5.00
N ASP A 143 12.63 0.79 5.85
CA ASP A 143 13.38 -0.38 5.35
C ASP A 143 12.49 -1.40 4.65
N ASP A 144 11.21 -1.48 5.05
CA ASP A 144 10.28 -2.38 4.39
C ASP A 144 9.98 -1.95 2.95
N VAL A 145 10.02 -0.65 2.66
CA VAL A 145 9.95 -0.19 1.28
C VAL A 145 11.15 -0.71 0.49
N TYR A 146 12.33 -0.50 1.05
CA TYR A 146 13.57 -0.77 0.31
C TYR A 146 13.79 -2.26 0.10
N GLU A 147 13.42 -3.04 1.10
CA GLU A 147 13.55 -4.49 1.06
CA GLU A 147 13.63 -4.47 1.01
C GLU A 147 12.73 -5.08 -0.07
N GLN A 148 11.51 -4.58 -0.19
CA GLN A 148 10.63 -5.09 -1.22
C GLN A 148 11.12 -4.68 -2.62
N ILE A 149 11.64 -3.46 -2.76
CA ILE A 149 12.21 -3.06 -4.06
C ILE A 149 13.39 -3.96 -4.42
N ASN A 150 14.24 -4.29 -3.44
CA ASN A 150 15.40 -5.12 -3.72
C ASN A 150 14.96 -6.53 -4.12
N THR A 151 13.89 -7.03 -3.50
CA THR A 151 13.30 -8.31 -3.88
C THR A 151 12.79 -8.29 -5.33
N TYR A 152 12.08 -7.23 -5.72
CA TYR A 152 11.64 -7.12 -7.11
C TYR A 152 12.85 -7.02 -8.06
N GLY A 153 13.92 -6.37 -7.62
CA GLY A 153 15.15 -6.36 -8.40
C GLY A 153 15.68 -7.75 -8.69
N ARG A 154 15.69 -8.62 -7.69
CA ARG A 154 16.10 -10.02 -7.92
C ARG A 154 15.13 -10.76 -8.82
N LEU A 155 13.84 -10.60 -8.54
CA LEU A 155 12.80 -11.37 -9.24
C LEU A 155 12.80 -11.10 -10.74
N PHE A 156 13.02 -9.83 -11.08
CA PHE A 156 12.99 -9.41 -12.48
C PHE A 156 14.37 -9.25 -13.12
N ASP A 157 15.43 -9.56 -12.37
CA ASP A 157 16.82 -9.43 -12.86
C ASP A 157 17.08 -7.98 -13.28
N ARG A 158 16.72 -7.07 -12.39
CA ARG A 158 16.90 -5.64 -12.58
CA ARG A 158 16.91 -5.63 -12.60
C ARG A 158 17.52 -5.08 -11.29
N GLN A 159 18.55 -5.74 -10.79
CA GLN A 159 19.13 -5.38 -9.50
C GLN A 159 19.75 -4.00 -9.47
N ASP A 160 20.45 -3.63 -10.54
CA ASP A 160 21.08 -2.30 -10.59
C ASP A 160 20.03 -1.18 -10.57
N ARG A 161 18.98 -1.33 -11.37
CA ARG A 161 17.88 -0.39 -11.38
C ARG A 161 17.16 -0.32 -10.01
N ALA A 162 16.99 -1.46 -9.36
CA ALA A 162 16.36 -1.48 -8.05
C ALA A 162 17.22 -0.73 -7.04
N ALA A 163 18.53 -0.94 -7.07
CA ALA A 163 19.43 -0.24 -6.17
C ALA A 163 19.40 1.29 -6.36
N GLU A 164 19.30 1.75 -7.61
CA GLU A 164 19.21 3.18 -7.90
C GLU A 164 17.88 3.75 -7.39
N LEU A 165 16.81 2.98 -7.50
CA LEU A 165 15.51 3.41 -6.97
C LEU A 165 15.56 3.57 -5.45
N VAL A 166 16.16 2.60 -4.77
CA VAL A 166 16.27 2.63 -3.32
C VAL A 166 17.09 3.85 -2.91
N ALA A 167 18.22 4.08 -3.59
CA ALA A 167 19.05 5.24 -3.27
C ALA A 167 18.28 6.54 -3.42
N SER A 168 17.50 6.69 -4.50
CA SER A 168 16.76 7.91 -4.75
CA SER A 168 16.78 7.94 -4.73
C SER A 168 15.70 8.14 -3.67
N LEU A 169 15.02 7.06 -3.27
CA LEU A 169 14.00 7.14 -2.24
C LEU A 169 14.61 7.46 -0.89
N ARG A 170 15.71 6.78 -0.52
CA ARG A 170 16.38 7.06 0.75
C ARG A 170 16.77 8.52 0.86
N GLN A 171 17.25 9.10 -0.23
CA GLN A 171 17.65 10.49 -0.22
C GLN A 171 16.46 11.41 0.05
N ARG A 172 15.30 11.10 -0.54
CA ARG A 172 14.11 11.92 -0.36
C ARG A 172 13.57 11.82 1.05
N VAL A 173 13.61 10.64 1.62
CA VAL A 173 13.18 10.46 3.01
C VAL A 173 14.14 11.21 3.94
N ALA A 174 15.44 11.13 3.68
CA ALA A 174 16.42 11.84 4.51
C ALA A 174 16.19 13.35 4.48
N ALA A 175 15.80 13.88 3.33
CA ALA A 175 15.53 15.30 3.18
C ALA A 175 14.34 15.74 4.04
N VAL A 176 13.28 14.95 4.09
CA VAL A 176 12.14 15.28 4.95
C VAL A 176 12.57 15.19 6.42
N GLU A 177 13.27 14.13 6.78
CA GLU A 177 13.63 13.93 8.19
C GLU A 177 14.59 15.02 8.65
N LYS A 178 15.50 15.43 7.77
CA LYS A 178 16.37 16.57 8.09
C LYS A 178 15.57 17.86 8.35
N ALA A 179 14.62 18.17 7.47
CA ALA A 179 13.77 19.35 7.65
C ALA A 179 13.01 19.29 8.98
N VAL A 180 12.53 18.10 9.31
CA VAL A 180 11.82 17.90 10.55
C VAL A 180 12.76 18.09 11.74
N GLU A 181 14.01 17.62 11.62
CA GLU A 181 14.98 17.76 12.69
C GLU A 181 15.22 19.22 13.01
N LYS A 182 15.12 20.08 12.00
CA LYS A 182 15.18 21.52 12.24
C LYS A 182 13.77 22.06 12.51
N ARG A 188 5.75 17.98 19.55
CA ARG A 188 5.31 17.01 18.53
C ARG A 188 3.80 16.91 18.48
N ARG A 189 3.21 17.23 17.33
CA ARG A 189 1.78 17.03 17.13
C ARG A 189 1.45 15.55 17.01
N SER A 190 0.20 15.19 17.31
CA SER A 190 -0.25 13.81 17.17
C SER A 190 -1.01 13.65 15.87
N ALA A 191 -1.14 12.42 15.44
CA ALA A 191 -1.78 12.13 14.16
C ALA A 191 -2.35 10.73 14.16
N ALA A 192 -3.31 10.50 13.27
CA ALA A 192 -3.79 9.17 12.94
C ALA A 192 -4.04 9.07 11.46
N VAL A 193 -3.91 7.86 10.95
CA VAL A 193 -4.34 7.56 9.60
C VAL A 193 -5.56 6.62 9.68
N LEU A 194 -6.61 6.98 8.95
CA LEU A 194 -7.87 6.24 8.94
C LEU A 194 -8.23 5.81 7.53
N TYR A 195 -9.09 4.80 7.45
CA TYR A 195 -9.74 4.43 6.21
C TYR A 195 -11.25 4.54 6.43
N PRO A 196 -11.85 5.71 6.10
CA PRO A 196 -13.29 5.86 6.39
C PRO A 196 -14.21 5.00 5.56
N THR A 197 -15.42 4.80 6.08
CA THR A 197 -16.51 4.11 5.40
C THR A 197 -17.43 5.09 4.70
N ILE A 198 -17.58 4.99 3.38
CA ILE A 198 -18.38 5.96 2.64
C ILE A 198 -19.84 5.80 3.07
N GLY A 199 -20.53 6.93 3.17
CA GLY A 199 -21.87 6.96 3.71
C GLY A 199 -21.87 7.30 5.19
N GLY A 200 -20.69 7.28 5.79
CA GLY A 200 -20.55 7.59 7.20
C GLY A 200 -19.78 6.53 7.99
N GLY A 201 -18.72 6.98 8.66
CA GLY A 201 -18.03 6.17 9.65
C GLY A 201 -16.53 6.37 9.56
N VAL A 202 -15.85 6.43 10.72
CA VAL A 202 -14.39 6.54 10.70
C VAL A 202 -13.80 5.23 10.19
N GLY A 203 -14.56 4.14 10.29
CA GLY A 203 -14.13 2.91 9.64
C GLY A 203 -12.99 2.15 10.31
N TYR A 204 -11.77 2.39 9.85
CA TYR A 204 -10.59 1.69 10.31
C TYR A 204 -9.48 2.66 10.63
N ALA A 205 -8.57 2.25 11.52
CA ALA A 205 -7.33 3.01 11.78
C ALA A 205 -6.13 2.12 11.56
N TYR A 206 -4.96 2.74 11.45
CA TYR A 206 -3.72 2.04 11.16
C TYR A 206 -2.78 2.05 12.35
N GLY A 207 -2.26 0.87 12.66
CA GLY A 207 -1.36 0.70 13.79
C GLY A 207 0.09 0.58 13.35
N ASN A 208 0.96 0.04 14.22
CA ASN A 208 2.39 0.15 13.96
C ASN A 208 2.91 -0.85 12.93
N GLU A 209 2.06 -1.78 12.47
CA GLU A 209 2.43 -2.66 11.37
C GLU A 209 2.13 -2.06 9.99
N SER A 210 1.44 -0.93 9.99
CA SER A 210 1.12 -0.21 8.78
CA SER A 210 1.13 -0.23 8.77
C SER A 210 2.26 0.71 8.37
N MSE A 211 2.38 0.97 7.07
CA MSE A 211 3.29 1.99 6.58
C MSE A 211 2.91 3.39 7.10
O MSE A 211 3.76 4.32 7.15
CB MSE A 211 3.31 1.94 5.06
CG MSE A 211 4.42 2.76 4.42
SE MSE A 211 6.23 2.21 4.95
CE MSE A 211 6.97 3.99 5.05
H MSE A 211 1.93 0.57 6.45
HA MSE A 211 4.18 1.77 6.89
HB2 MSE A 211 3.44 1.02 4.78
HB3 MSE A 211 2.47 2.27 4.71
HG2 MSE A 211 4.35 2.68 3.45
HG3 MSE A 211 4.31 3.69 4.68
HE1 MSE A 211 7.91 3.93 5.30
HE2 MSE A 211 6.89 4.41 4.18
HE3 MSE A 211 6.48 4.51 5.71
N ALA A 212 1.66 3.58 7.51
CA ALA A 212 1.23 4.83 8.14
C ALA A 212 2.12 5.21 9.32
N HIS A 213 2.54 4.21 10.08
CA HIS A 213 3.24 4.47 11.31
C HIS A 213 4.61 5.13 11.07
N PRO A 214 5.52 4.50 10.29
CA PRO A 214 6.78 5.23 10.04
C PRO A 214 6.62 6.49 9.18
N GLN A 215 5.61 6.52 8.31
CA GLN A 215 5.34 7.74 7.55
C GLN A 215 5.03 8.89 8.48
N LEU A 216 4.12 8.70 9.43
CA LEU A 216 3.79 9.76 10.37
C LEU A 216 5.00 10.16 11.20
N GLU A 217 5.73 9.17 11.71
CA GLU A 217 6.88 9.49 12.56
C GLU A 217 7.99 10.21 11.79
N SER A 218 8.25 9.83 10.54
CA SER A 218 9.28 10.51 9.75
C SER A 218 8.87 11.95 9.46
N ALA A 219 7.57 12.21 9.40
CA ALA A 219 7.07 13.56 9.19
C ALA A 219 7.05 14.38 10.48
N GLY A 220 7.41 13.76 11.60
CA GLY A 220 7.53 14.48 12.86
C GLY A 220 6.34 14.38 13.78
N PHE A 221 5.41 13.49 13.48
CA PHE A 221 4.22 13.31 14.31
C PHE A 221 4.34 12.13 15.24
N THR A 222 3.56 12.18 16.30
CA THR A 222 3.31 11.02 17.12
C THR A 222 2.09 10.31 16.59
N ASN A 223 2.23 9.02 16.27
CA ASN A 223 1.09 8.20 15.87
C ASN A 223 0.32 7.82 17.12
N VAL A 224 -0.94 8.23 17.22
CA VAL A 224 -1.72 7.90 18.40
C VAL A 224 -1.94 6.40 18.54
N TYR A 225 -1.75 5.63 17.47
CA TYR A 225 -1.90 4.19 17.54
C TYR A 225 -0.57 3.46 17.40
N ALA A 226 0.50 4.12 17.83
CA ALA A 226 1.84 3.57 17.79
C ALA A 226 1.96 2.29 18.59
N ASP A 227 1.10 2.11 19.60
CA ASP A 227 1.27 0.96 20.47
CA ASP A 227 1.20 0.99 20.52
C ASP A 227 0.28 -0.16 20.14
N VAL A 228 -0.41 -0.01 19.01
CA VAL A 228 -1.31 -1.05 18.54
C VAL A 228 -0.55 -1.95 17.57
N ASP A 229 -0.26 -3.18 17.99
CA ASP A 229 0.51 -4.13 17.17
C ASP A 229 -0.39 -4.80 16.14
N GLU A 230 -0.96 -3.97 15.27
CA GLU A 230 -1.80 -4.42 14.19
C GLU A 230 -1.50 -3.55 12.99
N ARG A 231 -1.90 -4.02 11.81
CA ARG A 231 -1.75 -3.19 10.62
C ARG A 231 -2.95 -2.25 10.51
N VAL A 232 -4.14 -2.84 10.44
CA VAL A 232 -5.37 -2.05 10.32
C VAL A 232 -6.45 -2.68 11.20
N PHE A 233 -7.27 -1.84 11.82
CA PHE A 233 -8.25 -2.35 12.78
C PHE A 233 -9.48 -1.44 12.82
N GLU A 234 -10.64 -2.00 13.17
CA GLU A 234 -11.85 -1.19 13.19
C GLU A 234 -11.84 -0.20 14.34
N VAL A 235 -12.37 0.99 14.08
CA VAL A 235 -12.56 2.00 15.12
C VAL A 235 -13.95 2.61 15.02
N THR A 236 -14.44 3.05 16.18
CA THR A 236 -15.61 3.92 16.28
C THR A 236 -15.16 5.37 16.42
N LEU A 237 -16.09 6.30 16.22
CA LEU A 237 -15.79 7.71 16.40
C LEU A 237 -15.32 7.95 17.82
N GLU A 238 -15.98 7.30 18.76
CA GLU A 238 -15.60 7.39 20.17
C GLU A 238 -14.14 7.04 20.39
N ASP A 239 -13.68 5.99 19.71
CA ASP A 239 -12.27 5.59 19.75
C ASP A 239 -11.33 6.70 19.28
N VAL A 240 -11.67 7.33 18.17
CA VAL A 240 -10.82 8.37 17.62
C VAL A 240 -10.87 9.60 18.52
N LEU A 241 -12.06 9.92 19.02
CA LEU A 241 -12.25 11.02 19.96
C LEU A 241 -11.37 10.90 21.21
N GLU A 242 -11.24 9.69 21.74
CA GLU A 242 -10.42 9.49 22.94
C GLU A 242 -8.96 9.81 22.68
N GLN A 243 -8.49 9.54 21.46
CA GLN A 243 -7.13 9.88 21.07
C GLN A 243 -7.02 11.34 20.65
N ASP A 244 -8.05 11.85 20.01
CA ASP A 244 -8.13 13.25 19.54
C ASP A 244 -6.82 13.71 18.90
N PRO A 245 -6.48 13.09 17.77
CA PRO A 245 -5.21 13.46 17.13
C PRO A 245 -5.25 14.87 16.53
N ASP A 246 -4.14 15.58 16.60
CA ASP A 246 -4.07 16.93 16.02
C ASP A 246 -4.38 16.92 14.53
N VAL A 247 -3.91 15.88 13.85
CA VAL A 247 -4.02 15.77 12.40
C VAL A 247 -4.58 14.41 11.99
N LEU A 248 -5.40 14.40 10.93
CA LEU A 248 -5.87 13.15 10.32
C LEU A 248 -5.47 13.03 8.85
N VAL A 249 -5.04 11.82 8.49
CA VAL A 249 -4.89 11.43 7.09
C VAL A 249 -5.97 10.38 6.78
N LEU A 250 -6.77 10.63 5.74
CA LEU A 250 -7.84 9.70 5.36
C LEU A 250 -7.52 9.04 4.02
N LEU A 251 -7.48 7.72 4.02
CA LEU A 251 -7.17 6.96 2.82
C LEU A 251 -8.41 6.41 2.14
N HIS A 252 -8.30 6.21 0.83
CA HIS A 252 -9.36 5.58 0.06
C HIS A 252 -8.74 4.91 -1.17
N VAL A 253 -9.27 3.75 -1.56
CA VAL A 253 -8.73 3.05 -2.73
C VAL A 253 -9.12 3.75 -4.04
N ASP A 254 -10.34 4.29 -4.12
CA ASP A 254 -10.73 5.07 -5.28
C ASP A 254 -11.95 5.92 -4.92
N GLY A 255 -12.65 6.41 -5.92
CA GLY A 255 -13.85 7.20 -5.67
C GLY A 255 -13.57 8.63 -5.24
N ASP A 256 -14.62 9.32 -4.82
CA ASP A 256 -14.60 10.75 -4.63
C ASP A 256 -14.06 11.15 -3.26
N PRO A 257 -12.96 11.92 -3.24
CA PRO A 257 -12.37 12.22 -1.93
C PRO A 257 -13.27 13.10 -1.06
N ASP A 258 -14.21 13.83 -1.66
CA ASP A 258 -15.14 14.63 -0.85
C ASP A 258 -16.02 13.71 0.00
N ALA A 259 -16.42 12.59 -0.55
CA ALA A 259 -17.26 11.66 0.18
C ALA A 259 -16.48 10.98 1.29
N VAL A 260 -15.18 10.77 1.05
CA VAL A 260 -14.28 10.24 2.08
C VAL A 260 -14.18 11.17 3.28
N LYS A 261 -13.91 12.46 3.03
CA LYS A 261 -13.85 13.43 4.13
C LYS A 261 -15.22 13.54 4.83
N ASP A 262 -16.30 13.53 4.06
CA ASP A 262 -17.65 13.69 4.62
C ASP A 262 -17.99 12.52 5.56
N ALA A 263 -17.46 11.35 5.24
CA ALA A 263 -17.69 10.16 6.05
C ALA A 263 -17.21 10.35 7.50
N VAL A 264 -16.30 11.29 7.71
CA VAL A 264 -15.79 11.61 9.02
C VAL A 264 -16.42 12.92 9.52
N VAL A 265 -16.29 14.00 8.75
CA VAL A 265 -16.61 15.31 9.30
C VAL A 265 -18.11 15.55 9.46
N ASN A 266 -18.94 14.83 8.72
CA ASN A 266 -20.39 15.01 8.83
C ASN A 266 -21.04 14.04 9.84
N LEU A 267 -20.22 13.25 10.53
CA LEU A 267 -20.73 12.38 11.58
C LEU A 267 -21.21 13.18 12.79
N PRO A 268 -22.33 12.78 13.40
CA PRO A 268 -22.71 13.45 14.64
C PRO A 268 -21.59 13.41 15.66
N GLY A 269 -21.26 14.57 16.23
CA GLY A 269 -20.27 14.63 17.29
C GLY A 269 -18.85 14.79 16.78
N ALA A 270 -18.66 14.75 15.47
CA ALA A 270 -17.30 14.77 14.90
C ALA A 270 -16.63 16.12 15.11
N ASP A 271 -17.40 17.16 15.43
CA ASP A 271 -16.79 18.48 15.63
C ASP A 271 -16.06 18.56 16.96
N ALA A 272 -16.18 17.51 17.76
CA ALA A 272 -15.40 17.40 18.99
C ALA A 272 -13.93 17.08 18.68
N LEU A 273 -13.66 16.65 17.46
CA LEU A 273 -12.29 16.36 17.03
C LEU A 273 -11.53 17.64 16.69
N THR A 274 -10.40 17.83 17.37
CA THR A 274 -9.47 18.91 17.08
C THR A 274 -9.15 19.00 15.58
N ALA A 275 -8.90 17.84 14.96
CA ALA A 275 -8.55 17.83 13.55
C ALA A 275 -9.68 18.33 12.66
N VAL A 276 -10.91 18.04 13.07
CA VAL A 276 -12.08 18.46 12.31
C VAL A 276 -12.28 19.96 12.49
N ARG A 277 -12.19 20.44 13.72
CA ARG A 277 -12.37 21.87 13.99
C ARG A 277 -11.35 22.73 13.27
N ASN A 278 -10.10 22.27 13.27
CA ASN A 278 -8.99 23.00 12.66
C ASN A 278 -8.85 22.68 11.17
N ASP A 279 -9.67 21.75 10.69
CA ASP A 279 -9.61 21.26 9.31
C ASP A 279 -8.22 20.74 8.94
N ASP A 280 -7.57 20.11 9.90
CA ASP A 280 -6.24 19.57 9.67
C ASP A 280 -6.42 18.12 9.19
N ILE A 281 -6.92 18.00 7.97
CA ILE A 281 -7.29 16.72 7.39
C ILE A 281 -6.74 16.64 5.98
N LEU A 282 -6.04 15.55 5.70
CA LEU A 282 -5.55 15.23 4.36
C LEU A 282 -6.21 13.98 3.87
N VAL A 283 -6.83 14.06 2.68
CA VAL A 283 -7.39 12.90 2.00
C VAL A 283 -6.42 12.50 0.91
N GLN A 284 -6.02 11.25 0.87
CA GLN A 284 -5.20 10.79 -0.25
C GLN A 284 -5.45 9.33 -0.57
N LEU A 285 -5.15 8.99 -1.81
CA LEU A 285 -5.32 7.64 -2.30
C LEU A 285 -4.43 6.68 -1.53
N PHE A 286 -4.97 5.48 -1.36
CA PHE A 286 -4.44 4.42 -0.51
C PHE A 286 -2.91 4.24 -0.60
N ASN A 287 -2.38 4.05 -1.82
CA ASN A 287 -0.96 3.71 -1.93
C ASN A 287 -0.01 4.86 -1.61
N PHE A 288 -0.52 6.07 -1.44
CA PHE A 288 0.36 7.14 -0.96
C PHE A 288 0.74 6.89 0.48
N THR A 289 0.08 5.94 1.12
CA THR A 289 0.53 5.49 2.44
C THR A 289 0.82 3.99 2.46
N GLU A 290 -0.17 3.16 2.16
CA GLU A 290 -0.14 1.72 2.44
C GLU A 290 -0.24 0.94 1.10
N PRO A 291 0.46 -0.17 0.97
CA PRO A 291 1.51 -0.77 1.80
C PRO A 291 2.87 -0.12 1.48
N PRO A 292 3.97 -0.63 2.05
CA PRO A 292 5.27 -0.01 1.74
C PRO A 292 5.69 -0.12 0.27
N THR A 293 5.69 1.03 -0.42
CA THR A 293 6.09 1.13 -1.82
C THR A 293 6.75 2.49 -2.07
N PRO A 294 7.30 2.69 -3.26
CA PRO A 294 7.82 4.02 -3.57
C PRO A 294 6.80 5.14 -3.38
N LEU A 295 5.50 4.86 -3.53
CA LEU A 295 4.50 5.89 -3.37
C LEU A 295 4.40 6.35 -1.92
N SER A 296 4.85 5.52 -0.97
CA SER A 296 4.84 5.91 0.43
C SER A 296 5.76 7.10 0.66
N VAL A 297 6.79 7.23 -0.17
CA VAL A 297 7.69 8.38 -0.06
C VAL A 297 7.00 9.63 -0.61
N ASP A 298 6.27 9.51 -1.70
CA ASP A 298 5.39 10.61 -2.16
C ASP A 298 4.44 11.07 -1.07
N GLY A 299 3.82 10.12 -0.39
CA GLY A 299 2.90 10.42 0.69
C GLY A 299 3.59 11.14 1.85
N LEU A 300 4.81 10.73 2.17
CA LEU A 300 5.56 11.36 3.23
C LEU A 300 5.74 12.84 2.88
N GLU A 301 6.18 13.10 1.65
CA GLU A 301 6.38 14.47 1.21
C GLU A 301 5.08 15.27 1.24
N ARG A 302 3.98 14.64 0.85
CA ARG A 302 2.68 15.31 0.86
C ARG A 302 2.28 15.69 2.28
N ILE A 303 2.43 14.77 3.22
CA ILE A 303 2.07 15.04 4.60
C ILE A 303 2.93 16.17 5.17
N HIS A 304 4.24 16.08 4.93
CA HIS A 304 5.20 17.10 5.35
C HIS A 304 4.89 18.49 4.78
N GLU A 305 4.57 18.55 3.50
CA GLU A 305 4.28 19.85 2.88
C GLU A 305 2.91 20.41 3.29
N THR A 306 1.96 19.53 3.57
CA THR A 306 0.61 19.95 3.98
C THR A 306 0.55 20.48 5.41
N PHE A 307 1.17 19.78 6.34
CA PHE A 307 1.05 20.11 7.74
C PHE A 307 2.32 20.80 8.23
N GLY A 308 3.30 20.95 7.34
CA GLY A 308 4.56 21.57 7.66
C GLY A 308 5.31 20.84 8.75
N ALA A 309 6.37 21.48 9.26
CA ALA A 309 7.17 20.93 10.34
C ALA A 309 7.40 21.98 11.42
MN MN B . -7.70 -4.05 3.07
C1 GOL C . 2.47 10.27 -8.40
O1 GOL C . 3.10 10.97 -7.35
C2 GOL C . 3.49 9.85 -9.47
O2 GOL C . 4.71 9.47 -8.88
C3 GOL C . 3.74 10.97 -10.47
O3 GOL C . 4.25 10.42 -11.67
H11 GOL C . 1.72 10.91 -8.86
H12 GOL C . 1.98 9.39 -8.01
HO1 GOL C . 2.42 11.29 -6.72
H2 GOL C . 3.08 8.99 -10.01
HO2 GOL C . 5.34 9.17 -9.56
H31 GOL C . 4.45 11.69 -10.06
H32 GOL C . 2.80 11.50 -10.67
HO3 GOL C . 4.35 11.14 -12.34
C1 GOL D . 7.46 -12.70 5.35
O1 GOL D . 6.91 -12.29 4.13
C2 GOL D . 8.91 -13.10 5.14
O2 GOL D . 9.75 -12.06 5.60
C3 GOL D . 9.14 -14.39 5.91
O3 GOL D . 8.30 -15.38 5.35
H11 GOL D . 6.89 -13.55 5.75
H12 GOL D . 7.40 -11.89 6.08
HO1 GOL D . 5.96 -12.10 4.25
H2 GOL D . 9.07 -13.28 4.08
HO2 GOL D . 9.58 -11.91 6.55
H31 GOL D . 8.91 -14.25 6.96
H32 GOL D . 10.18 -14.69 5.82
HO3 GOL D . 8.83 -15.96 4.77
N GLU E . -8.16 -1.75 2.05
CA GLU E . -7.79 -1.19 3.38
C GLU E . -6.48 -1.83 3.89
O GLU E . -6.02 -2.89 3.45
CB GLU E . -8.99 -1.37 4.36
CG GLU E . -8.74 -2.03 5.71
CD GLU E . -9.03 -3.53 5.73
OE1 GLU E . -8.27 -4.29 5.10
OE2 GLU E . -10.01 -3.94 6.39
OXT GLU E . -5.77 -1.26 4.71
H1 GLU E . -8.96 -1.45 1.81
H2 GLU E . -7.55 -1.50 1.45
H3 GLU E . -8.18 -2.64 2.11
HA GLU E . -7.64 -0.24 3.29
HB2 GLU E . -9.37 -0.49 4.54
HB3 GLU E . -9.66 -1.91 3.91
HG2 GLU E . -7.81 -1.91 5.95
HG3 GLU E . -9.31 -1.61 6.38
#